data_6T0Q
#
_entry.id   6T0Q
#
_cell.length_a   153.070
_cell.length_b   153.070
_cell.length_c   145.811
_cell.angle_alpha   90.000
_cell.angle_beta   90.000
_cell.angle_gamma   120.000
#
_symmetry.space_group_name_H-M   'P 61 2 2'
#
loop_
_entity.id
_entity.type
_entity.pdbx_description
1 polymer Lectin
2 branched 2-acetamido-2-deoxy-beta-D-glucopyranose-(1-4)-2-acetamido-2-deoxy-beta-D-glucopyranose
3 non-polymer 2-acetamido-2-deoxy-beta-D-glucopyranose
4 non-polymer 'CALCIUM ION'
5 non-polymer GLYCEROL
6 water water
#
_entity_poly.entity_id   1
_entity_poly.type   'polypeptide(L)'
_entity_poly.pdbx_seq_one_letter_code
;AAPDSQVCDVGSTATCKITATPRQFQPALLSTSKWIWTGENPIPGGSNIISTRPFRKNITAPCGKCSVCATIVVASDDAH
TFYVNGVRIGTGAGFRQGQALFVALQPTWNLFAIAGQNLVANSPAGIMASILVHFSDGTSETFVTDESWKTLRAAPPENF
QLPSTNDSNWPSAAVQGAYQNSVWGPPVLPPVLPLRGSNWIWTSDNVNGAAPVGSRAFRKTVNQCTKVAVCATVLIAADD
RYTLYVNGATVGSGSSYTVADAYTIPNLHPTFNTFAINATNGGGPAGVIATILITYSDGSNETVVTDASWKAIQTIPQGF
QPPLIDEFGWESAKIIGAFGVAPWGAGMVIPSA
;
_entity_poly.pdbx_strand_id   A
#
# COMPACT_ATOMS: atom_id res chain seq x y z
N ALA A 14 -17.69 6.11 -19.44
CA ALA A 14 -16.37 6.52 -18.96
C ALA A 14 -15.99 5.78 -17.68
N THR A 15 -16.97 5.55 -16.80
CA THR A 15 -16.76 4.89 -15.52
C THR A 15 -17.49 3.55 -15.48
N CYS A 16 -17.02 2.66 -14.61
CA CYS A 16 -17.58 1.32 -14.44
C CYS A 16 -18.13 1.15 -13.03
N LYS A 17 -19.18 0.33 -12.94
CA LYS A 17 -19.68 -0.14 -11.66
C LYS A 17 -18.66 -1.05 -11.01
N ILE A 18 -18.40 -0.85 -9.71
CA ILE A 18 -17.41 -1.65 -9.00
C ILE A 18 -18.12 -2.82 -8.35
N THR A 19 -17.93 -4.02 -8.91
CA THR A 19 -18.45 -5.22 -8.30
C THR A 19 -17.42 -5.95 -7.44
N ALA A 20 -16.16 -5.50 -7.46
CA ALA A 20 -15.16 -6.04 -6.54
C ALA A 20 -15.58 -5.79 -5.10
N THR A 21 -15.33 -6.76 -4.23
CA THR A 21 -15.63 -6.69 -2.80
C THR A 21 -14.37 -6.98 -2.00
N PRO A 22 -14.37 -6.68 -0.69
CA PRO A 22 -13.15 -6.89 0.11
C PRO A 22 -12.61 -8.32 0.02
N ARG A 23 -11.28 -8.43 0.10
CA ARG A 23 -10.64 -9.73 -0.06
C ARG A 23 -9.30 -9.73 0.67
N GLN A 24 -8.75 -10.92 0.83
CA GLN A 24 -7.38 -11.04 1.30
C GLN A 24 -6.45 -10.26 0.36
N PHE A 25 -5.52 -9.52 0.95
CA PHE A 25 -4.60 -8.72 0.16
C PHE A 25 -3.74 -9.61 -0.72
N GLN A 26 -3.55 -9.20 -1.99
CA GLN A 26 -2.74 -9.94 -2.95
C GLN A 26 -1.40 -9.24 -3.17
N PRO A 27 -0.28 -9.84 -2.78
CA PRO A 27 1.01 -9.15 -2.92
C PRO A 27 1.35 -8.88 -4.39
N ALA A 28 1.83 -7.67 -4.65
CA ALA A 28 2.52 -7.41 -5.91
C ALA A 28 3.91 -8.04 -5.82
N LEU A 29 4.32 -8.73 -6.89
CA LEU A 29 5.57 -9.47 -6.92
C LEU A 29 6.49 -8.87 -7.97
N LEU A 30 7.80 -8.97 -7.73
CA LEU A 30 8.81 -8.46 -8.66
C LEU A 30 9.32 -9.52 -9.62
N SER A 31 8.83 -10.76 -9.50
CA SER A 31 9.42 -11.91 -10.20
C SER A 31 9.45 -11.72 -11.71
N THR A 32 8.44 -11.08 -12.28
CA THR A 32 8.38 -10.90 -13.72
C THR A 32 8.91 -9.54 -14.17
N SER A 33 9.42 -8.73 -13.25
CA SER A 33 9.82 -7.39 -13.61
C SER A 33 11.26 -7.35 -14.12
N LYS A 34 11.60 -6.27 -14.82
CA LYS A 34 12.94 -6.05 -15.35
C LYS A 34 13.53 -4.74 -14.82
N TRP A 35 14.84 -4.75 -14.64
CA TRP A 35 15.60 -3.52 -14.41
C TRP A 35 15.74 -2.76 -15.72
N ILE A 36 15.52 -1.45 -15.70
CA ILE A 36 15.73 -0.67 -16.92
C ILE A 36 16.60 0.54 -16.64
N TRP A 37 17.32 0.96 -17.68
CA TRP A 37 18.04 2.23 -17.69
C TRP A 37 18.04 2.69 -19.15
N THR A 38 19.00 3.53 -19.51
CA THR A 38 19.02 4.16 -20.83
C THR A 38 19.79 3.37 -21.88
N GLY A 39 20.76 2.56 -21.48
CA GLY A 39 21.64 1.96 -22.46
C GLY A 39 22.78 2.85 -22.89
N GLU A 40 22.98 3.99 -22.20
CA GLU A 40 24.17 4.81 -22.46
C GLU A 40 25.45 3.98 -22.34
N ASN A 41 25.47 3.02 -21.42
CA ASN A 41 26.45 1.94 -21.49
C ASN A 41 25.76 0.73 -22.08
N PRO A 42 26.16 0.25 -23.26
CA PRO A 42 25.49 -0.91 -23.87
C PRO A 42 25.67 -2.20 -23.08
N ILE A 43 26.52 -2.24 -22.06
CA ILE A 43 26.65 -3.39 -21.19
C ILE A 43 25.60 -3.29 -20.10
N PRO A 44 24.64 -4.21 -20.02
CA PRO A 44 23.64 -4.14 -18.94
C PRO A 44 24.29 -4.37 -17.59
N GLY A 45 23.93 -3.53 -16.62
CA GLY A 45 24.62 -3.63 -15.34
C GLY A 45 26.04 -3.12 -15.35
N GLY A 46 26.45 -2.45 -16.43
CA GLY A 46 27.80 -1.92 -16.51
C GLY A 46 27.93 -0.57 -15.83
N SER A 47 29.13 -0.01 -15.95
CA SER A 47 29.48 1.30 -15.40
C SER A 47 28.65 2.41 -16.04
N ASN A 48 28.02 3.23 -15.20
CA ASN A 48 27.23 4.37 -15.68
C ASN A 48 27.66 5.66 -14.99
N ILE A 49 27.42 6.78 -15.68
CA ILE A 49 27.79 8.08 -15.13
C ILE A 49 26.75 8.55 -14.11
N ILE A 50 27.18 9.45 -13.24
CA ILE A 50 26.24 10.14 -12.35
C ILE A 50 25.26 10.91 -13.21
N SER A 51 23.97 10.70 -12.98
CA SER A 51 22.96 11.22 -13.88
C SER A 51 21.56 10.92 -13.32
N THR A 52 20.60 11.71 -13.79
CA THR A 52 19.18 11.49 -13.55
C THR A 52 18.51 11.26 -14.90
N ARG A 53 17.62 10.27 -14.97
CA ARG A 53 17.03 9.90 -16.26
C ARG A 53 15.53 9.64 -16.12
N PRO A 54 14.73 10.03 -17.11
CA PRO A 54 13.28 9.79 -17.05
C PRO A 54 12.86 8.46 -17.66
N PHE A 55 11.77 7.92 -17.12
CA PHE A 55 11.16 6.69 -17.62
C PHE A 55 9.64 6.85 -17.55
N ARG A 56 8.96 6.49 -18.64
CA ARG A 56 7.53 6.73 -18.79
C ARG A 56 6.87 5.54 -19.47
N LYS A 57 5.63 5.26 -19.06
CA LYS A 57 4.83 4.25 -19.75
C LYS A 57 3.36 4.58 -19.57
N ASN A 58 2.64 4.75 -20.69
CA ASN A 58 1.19 4.87 -20.69
C ASN A 58 0.61 3.47 -20.73
N ILE A 59 -0.08 3.07 -19.67
CA ILE A 59 -0.63 1.73 -19.57
C ILE A 59 -2.15 1.83 -19.72
N THR A 60 -2.70 1.15 -20.73
CA THR A 60 -4.13 1.19 -20.99
C THR A 60 -4.84 0.04 -20.28
N ALA A 61 -6.11 0.28 -19.90
CA ALA A 61 -6.89 -0.78 -19.29
C ALA A 61 -7.36 -1.76 -20.36
N PRO A 62 -7.36 -3.07 -20.06
CA PRO A 62 -7.94 -4.03 -21.00
C PRO A 62 -9.39 -3.71 -21.28
N CYS A 63 -9.82 -3.93 -22.52
CA CYS A 63 -11.18 -3.59 -22.90
C CYS A 63 -12.18 -4.37 -22.05
N GLY A 64 -13.27 -3.71 -21.70
CA GLY A 64 -14.34 -4.33 -20.94
C GLY A 64 -14.30 -4.08 -19.45
N LYS A 65 -13.27 -3.43 -18.92
CA LYS A 65 -13.21 -3.17 -17.49
C LYS A 65 -12.45 -1.87 -17.22
N CYS A 66 -12.61 -1.37 -16.00
CA CYS A 66 -12.01 -0.13 -15.56
C CYS A 66 -10.97 -0.43 -14.48
N SER A 67 -9.83 0.24 -14.56
CA SER A 67 -8.87 0.16 -13.49
C SER A 67 -9.33 1.03 -12.33
N VAL A 68 -9.05 0.58 -11.12
CA VAL A 68 -9.50 1.24 -9.90
C VAL A 68 -8.33 1.76 -9.07
N CYS A 69 -7.36 0.89 -8.77
CA CYS A 69 -6.24 1.28 -7.93
C CYS A 69 -5.12 0.28 -8.16
N ALA A 70 -3.93 0.59 -7.61
CA ALA A 70 -2.75 -0.23 -7.86
C ALA A 70 -1.94 -0.38 -6.58
N THR A 71 -1.37 -1.57 -6.43
CA THR A 71 -0.30 -1.83 -5.46
C THR A 71 1.02 -1.79 -6.21
N ILE A 72 1.95 -0.96 -5.77
CA ILE A 72 3.22 -0.76 -6.49
C ILE A 72 4.37 -1.18 -5.59
N VAL A 73 5.35 -1.88 -6.17
CA VAL A 73 6.64 -2.11 -5.50
C VAL A 73 7.72 -1.63 -6.45
N VAL A 74 8.63 -0.79 -5.95
CA VAL A 74 9.65 -0.18 -6.79
C VAL A 74 11.00 -0.25 -6.09
N ALA A 75 12.06 -0.49 -6.87
CA ALA A 75 13.43 -0.53 -6.37
C ALA A 75 14.31 0.22 -7.33
N SER A 76 15.47 0.68 -6.84
CA SER A 76 16.30 1.52 -7.69
C SER A 76 17.76 1.43 -7.27
N ASP A 77 18.63 1.65 -8.23
CA ASP A 77 20.04 1.91 -7.98
C ASP A 77 20.36 3.18 -8.74
N ASP A 78 20.50 4.32 -8.05
CA ASP A 78 20.52 4.46 -6.59
C ASP A 78 19.19 4.93 -5.98
N ALA A 79 18.43 5.76 -6.69
CA ALA A 79 17.27 6.41 -6.10
C ALA A 79 16.21 6.64 -7.16
N HIS A 80 14.99 6.94 -6.71
CA HIS A 80 13.87 7.13 -7.64
C HIS A 80 12.84 8.09 -7.07
N THR A 81 12.08 8.70 -7.98
CA THR A 81 10.84 9.39 -7.66
C THR A 81 9.75 8.83 -8.58
N PHE A 82 8.62 8.45 -8.00
CA PHE A 82 7.56 7.75 -8.71
C PHE A 82 6.34 8.66 -8.87
N TYR A 83 5.86 8.79 -10.10
CA TYR A 83 4.71 9.64 -10.44
C TYR A 83 3.60 8.81 -11.07
N VAL A 84 2.35 9.16 -10.76
CA VAL A 84 1.20 8.54 -11.40
C VAL A 84 0.27 9.62 -11.90
N ASN A 85 0.06 9.68 -13.21
CA ASN A 85 -0.79 10.69 -13.85
C ASN A 85 -0.38 12.09 -13.42
N GLY A 86 0.95 12.31 -13.34
CA GLY A 86 1.49 13.61 -13.03
C GLY A 86 1.63 13.93 -11.56
N VAL A 87 1.18 13.04 -10.67
CA VAL A 87 1.21 13.28 -9.23
C VAL A 87 2.35 12.49 -8.62
N ARG A 88 3.21 13.16 -7.86
CA ARG A 88 4.28 12.45 -7.17
C ARG A 88 3.69 11.59 -6.05
N ILE A 89 3.98 10.29 -6.09
CA ILE A 89 3.42 9.34 -5.13
C ILE A 89 4.46 8.88 -4.11
N GLY A 90 5.74 8.91 -4.44
CA GLY A 90 6.75 8.54 -3.47
C GLY A 90 8.15 8.74 -4.00
N THR A 91 9.08 8.83 -3.08
CA THR A 91 10.50 8.87 -3.38
C THR A 91 11.17 7.81 -2.52
N GLY A 92 12.20 7.17 -3.08
CA GLY A 92 12.86 6.10 -2.36
C GLY A 92 14.24 5.85 -2.95
N ALA A 93 14.86 4.77 -2.48
CA ALA A 93 16.23 4.49 -2.89
C ALA A 93 16.56 3.07 -2.49
N GLY A 94 17.31 2.38 -3.34
CA GLY A 94 17.91 1.15 -2.89
C GLY A 94 17.33 -0.06 -3.60
N PHE A 95 18.17 -1.09 -3.77
CA PHE A 95 17.80 -2.28 -4.51
C PHE A 95 17.75 -3.54 -3.67
N ARG A 96 18.17 -3.48 -2.40
CA ARG A 96 18.09 -4.66 -1.56
C ARG A 96 16.67 -4.95 -1.14
N GLN A 97 15.85 -3.91 -0.97
CA GLN A 97 14.45 -4.06 -0.58
C GLN A 97 13.58 -3.10 -1.38
N GLY A 98 12.47 -3.60 -1.90
CA GLY A 98 11.56 -2.73 -2.64
C GLY A 98 10.82 -1.78 -1.72
N GLN A 99 10.21 -0.77 -2.33
CA GLN A 99 9.37 0.21 -1.65
C GLN A 99 7.92 0.03 -2.07
N ALA A 100 7.01 -0.07 -1.09
CA ALA A 100 5.59 -0.23 -1.38
C ALA A 100 4.91 1.13 -1.54
N LEU A 101 4.10 1.27 -2.59
CA LEU A 101 3.30 2.47 -2.82
C LEU A 101 1.90 2.06 -3.25
N PHE A 102 0.90 2.87 -2.89
CA PHE A 102 -0.50 2.60 -3.23
C PHE A 102 -1.10 3.85 -3.85
N VAL A 103 -1.96 3.68 -4.87
CA VAL A 103 -2.46 4.84 -5.61
C VAL A 103 -3.79 4.49 -6.28
N ALA A 104 -4.69 5.47 -6.31
CA ALA A 104 -5.90 5.39 -7.14
C ALA A 104 -5.57 5.62 -8.61
N LEU A 105 -6.39 5.06 -9.50
CA LEU A 105 -6.10 5.08 -10.92
C LEU A 105 -7.25 5.69 -11.71
N GLN A 106 -6.93 6.17 -12.91
CA GLN A 106 -7.95 6.51 -13.88
C GLN A 106 -8.54 5.24 -14.48
N PRO A 107 -9.79 5.29 -14.94
CA PRO A 107 -10.45 4.05 -15.38
C PRO A 107 -9.88 3.39 -16.63
N THR A 108 -9.41 4.14 -17.64
CA THR A 108 -9.07 3.50 -18.91
C THR A 108 -7.60 3.54 -19.29
N TRP A 109 -6.84 4.53 -18.83
CA TRP A 109 -5.40 4.58 -19.10
C TRP A 109 -4.73 5.30 -17.94
N ASN A 110 -3.46 4.97 -17.70
CA ASN A 110 -2.71 5.60 -16.62
C ASN A 110 -1.26 5.80 -17.03
N LEU A 111 -0.75 7.00 -16.78
CA LEU A 111 0.64 7.35 -17.11
C LEU A 111 1.51 7.16 -15.88
N PHE A 112 2.42 6.19 -15.93
CA PHE A 112 3.39 5.98 -14.87
C PHE A 112 4.72 6.61 -15.29
N ALA A 113 5.33 7.35 -14.39
CA ALA A 113 6.59 8.02 -14.70
C ALA A 113 7.53 7.89 -13.51
N ILE A 114 8.79 7.63 -13.79
CA ILE A 114 9.80 7.46 -12.76
C ILE A 114 11.04 8.25 -13.16
N ALA A 115 11.53 9.06 -12.25
CA ALA A 115 12.83 9.70 -12.40
C ALA A 115 13.82 8.85 -11.62
N GLY A 116 14.74 8.21 -12.34
CA GLY A 116 15.76 7.38 -11.73
C GLY A 116 17.06 8.14 -11.61
N GLN A 117 17.83 7.86 -10.56
CA GLN A 117 19.03 8.64 -10.30
C GLN A 117 20.18 7.72 -9.97
N ASN A 118 21.27 7.85 -10.72
CA ASN A 118 22.53 7.19 -10.39
C ASN A 118 23.40 8.19 -9.64
N LEU A 119 23.75 7.85 -8.41
CA LEU A 119 24.49 8.76 -7.55
C LEU A 119 25.99 8.52 -7.53
N VAL A 120 26.45 7.38 -8.03
CA VAL A 120 27.84 6.94 -7.83
C VAL A 120 28.46 6.73 -9.19
N ALA A 121 29.58 7.41 -9.44
CA ALA A 121 30.25 7.31 -10.73
C ALA A 121 30.76 5.88 -10.96
N ASN A 122 30.77 5.46 -12.22
CA ASN A 122 31.29 4.17 -12.65
C ASN A 122 30.52 3.01 -12.04
N SER A 123 29.26 3.20 -11.64
CA SER A 123 28.49 2.17 -10.96
C SER A 123 27.27 1.81 -11.80
N PRO A 124 26.67 0.64 -11.56
CA PRO A 124 25.46 0.28 -12.32
C PRO A 124 24.30 1.21 -11.99
N ALA A 125 23.33 1.26 -12.88
CA ALA A 125 22.15 2.11 -12.68
C ALA A 125 20.92 1.37 -13.18
N GLY A 126 19.82 1.50 -12.45
CA GLY A 126 18.62 0.79 -12.87
C GLY A 126 17.41 1.10 -12.00
N ILE A 127 16.22 0.97 -12.58
CA ILE A 127 14.99 1.02 -11.81
C ILE A 127 14.18 -0.22 -12.15
N MET A 128 13.41 -0.69 -11.17
CA MET A 128 12.57 -1.86 -11.33
C MET A 128 11.26 -1.60 -10.59
N ALA A 129 10.14 -1.93 -11.22
CA ALA A 129 8.86 -1.78 -10.55
C ALA A 129 7.88 -2.84 -11.05
N SER A 130 6.99 -3.25 -10.15
CA SER A 130 5.76 -3.96 -10.50
C SER A 130 4.58 -3.09 -10.10
N ILE A 131 3.58 -3.08 -10.97
CA ILE A 131 2.35 -2.31 -10.77
C ILE A 131 1.20 -3.32 -10.86
N LEU A 132 0.65 -3.71 -9.71
CA LEU A 132 -0.47 -4.64 -9.70
C LEU A 132 -1.76 -3.83 -9.70
N VAL A 133 -2.44 -3.82 -10.85
CA VAL A 133 -3.64 -3.02 -11.05
C VAL A 133 -4.86 -3.87 -10.69
N HIS A 134 -5.75 -3.31 -9.88
CA HIS A 134 -7.03 -3.95 -9.56
C HIS A 134 -8.13 -3.30 -10.38
N PHE A 135 -8.98 -4.11 -10.99
CA PHE A 135 -10.02 -3.65 -11.90
C PHE A 135 -11.39 -3.68 -11.21
N SER A 136 -12.35 -3.00 -11.84
CA SER A 136 -13.68 -2.83 -11.24
C SER A 136 -14.42 -4.15 -11.06
N ASP A 137 -14.06 -5.20 -11.79
CA ASP A 137 -14.76 -6.48 -11.69
C ASP A 137 -14.09 -7.45 -10.72
N GLY A 138 -13.11 -7.00 -9.96
CA GLY A 138 -12.46 -7.90 -9.03
C GLY A 138 -11.26 -8.64 -9.57
N THR A 139 -10.96 -8.51 -10.86
CA THR A 139 -9.74 -9.10 -11.37
C THR A 139 -8.56 -8.14 -11.18
N SER A 140 -7.35 -8.62 -11.47
CA SER A 140 -6.16 -7.82 -11.34
C SER A 140 -5.13 -8.27 -12.38
N GLU A 141 -4.16 -7.40 -12.66
CA GLU A 141 -3.10 -7.71 -13.61
C GLU A 141 -1.85 -6.92 -13.27
N THR A 142 -0.68 -7.56 -13.38
CA THR A 142 0.60 -6.94 -13.04
C THR A 142 1.26 -6.38 -14.29
N PHE A 143 1.76 -5.15 -14.20
CA PHE A 143 2.53 -4.52 -15.26
C PHE A 143 3.91 -4.19 -14.70
N VAL A 144 4.94 -4.27 -15.55
CA VAL A 144 6.32 -4.15 -15.08
C VAL A 144 7.08 -3.12 -15.89
N THR A 145 8.18 -2.63 -15.31
CA THR A 145 9.20 -1.94 -16.09
C THR A 145 9.83 -2.92 -17.08
N ASP A 146 9.96 -2.50 -18.33
CA ASP A 146 10.68 -3.31 -19.33
C ASP A 146 11.01 -2.42 -20.52
N GLU A 147 11.41 -3.04 -21.64
CA GLU A 147 11.83 -2.30 -22.82
C GLU A 147 10.68 -1.58 -23.52
N SER A 148 9.43 -1.77 -23.09
CA SER A 148 8.35 -0.98 -23.66
C SER A 148 8.23 0.41 -23.03
N TRP A 149 8.94 0.67 -21.94
CA TRP A 149 8.96 2.00 -21.36
C TRP A 149 9.82 2.92 -22.22
N LYS A 150 9.51 4.22 -22.19
CA LYS A 150 10.28 5.22 -22.90
C LYS A 150 11.24 5.92 -21.93
N THR A 151 12.38 6.37 -22.46
CA THR A 151 13.36 7.09 -21.67
C THR A 151 14.01 8.16 -22.53
N LEU A 152 14.97 8.88 -21.96
CA LEU A 152 15.82 9.80 -22.70
C LEU A 152 17.25 9.68 -22.20
N ARG A 153 18.21 9.92 -23.10
CA ARG A 153 19.61 9.99 -22.69
C ARG A 153 19.97 11.39 -22.23
N ALA A 154 19.20 11.93 -21.30
CA ALA A 154 19.34 13.30 -20.84
C ALA A 154 18.54 13.45 -19.56
N ALA A 155 18.80 14.53 -18.83
CA ALA A 155 18.06 14.80 -17.61
C ALA A 155 16.56 14.87 -17.92
N PRO A 156 15.70 14.53 -16.97
CA PRO A 156 14.25 14.59 -17.22
C PRO A 156 13.82 16.00 -17.61
N PRO A 157 13.16 16.16 -18.75
CA PRO A 157 12.67 17.50 -19.13
C PRO A 157 11.66 17.99 -18.11
N GLU A 158 11.48 19.31 -18.11
CA GLU A 158 10.43 19.91 -17.30
C GLU A 158 9.10 19.23 -17.59
N ASN A 159 8.38 18.85 -16.53
CA ASN A 159 7.06 18.25 -16.64
C ASN A 159 7.07 16.94 -17.43
N PHE A 160 8.19 16.21 -17.42
CA PHE A 160 8.21 14.95 -18.17
C PHE A 160 7.16 13.97 -17.66
N GLN A 161 6.78 14.08 -16.39
CA GLN A 161 5.82 13.17 -15.78
C GLN A 161 4.38 13.51 -16.10
N LEU A 162 4.14 14.61 -16.82
CA LEU A 162 2.75 15.02 -17.08
C LEU A 162 2.25 14.34 -18.35
N PRO A 163 0.97 13.96 -18.34
CA PRO A 163 0.35 13.43 -19.56
C PRO A 163 0.45 14.37 -20.75
N SER A 164 0.59 15.68 -20.53
CA SER A 164 0.73 16.62 -21.63
C SER A 164 2.06 16.50 -22.35
N THR A 165 3.05 15.80 -21.78
CA THR A 165 4.30 15.57 -22.48
C THR A 165 4.16 14.40 -23.44
N ASN A 166 4.59 14.60 -24.68
CA ASN A 166 4.51 13.58 -25.73
C ASN A 166 5.82 12.80 -25.75
N ASP A 167 5.75 11.49 -25.53
CA ASP A 167 6.95 10.65 -25.53
C ASP A 167 7.05 9.77 -26.78
N SER A 168 6.26 10.09 -27.82
CA SER A 168 6.19 9.22 -28.99
C SER A 168 7.55 9.06 -29.66
N ASN A 169 8.38 10.11 -29.65
CA ASN A 169 9.70 10.05 -30.27
C ASN A 169 10.82 9.72 -29.30
N TRP A 170 10.50 9.46 -28.03
CA TRP A 170 11.52 9.01 -27.09
C TRP A 170 12.01 7.61 -27.44
N PRO A 171 13.28 7.31 -27.20
CA PRO A 171 13.77 5.94 -27.40
C PRO A 171 13.24 5.01 -26.31
N SER A 172 13.33 3.71 -26.60
CA SER A 172 12.94 2.66 -25.66
C SER A 172 13.97 2.54 -24.54
N ALA A 173 13.48 2.30 -23.32
CA ALA A 173 14.37 1.94 -22.22
C ALA A 173 15.14 0.67 -22.55
N ALA A 174 16.31 0.51 -21.96
CA ALA A 174 17.16 -0.66 -22.20
C ALA A 174 17.20 -1.53 -20.94
N VAL A 175 16.84 -2.81 -21.10
CA VAL A 175 16.79 -3.73 -19.98
C VAL A 175 18.19 -3.97 -19.44
N GLN A 176 18.36 -3.78 -18.12
CA GLN A 176 19.63 -4.00 -17.44
C GLN A 176 19.74 -5.37 -16.79
N GLY A 177 18.63 -6.08 -16.63
CA GLY A 177 18.65 -7.38 -16.00
C GLY A 177 17.25 -7.80 -15.63
N ALA A 178 17.13 -9.04 -15.17
CA ALA A 178 15.84 -9.58 -14.74
C ALA A 178 15.86 -9.79 -13.24
N TYR A 179 14.70 -10.14 -12.69
CA TYR A 179 14.57 -10.32 -11.25
C TYR A 179 15.61 -11.31 -10.73
N GLN A 180 15.71 -12.46 -11.37
CA GLN A 180 16.56 -13.55 -10.93
C GLN A 180 17.90 -13.60 -11.67
N ASN A 181 18.17 -12.67 -12.58
CA ASN A 181 19.45 -12.64 -13.31
C ASN A 181 19.85 -11.18 -13.52
N SER A 182 20.57 -10.60 -12.56
CA SER A 182 21.02 -9.22 -12.69
C SER A 182 22.19 -8.99 -11.73
N VAL A 183 22.87 -7.86 -11.90
CA VAL A 183 23.95 -7.56 -10.95
C VAL A 183 23.39 -7.29 -9.57
N TRP A 184 22.12 -6.94 -9.47
CA TRP A 184 21.54 -6.56 -8.18
C TRP A 184 21.03 -7.73 -7.35
N GLY A 185 20.68 -8.84 -7.98
CA GLY A 185 20.02 -9.90 -7.24
C GLY A 185 18.58 -9.52 -6.93
N PRO A 186 17.81 -10.45 -6.39
CA PRO A 186 16.34 -10.23 -6.28
C PRO A 186 15.97 -9.37 -5.08
N PRO A 187 15.39 -8.20 -5.27
CA PRO A 187 15.01 -7.36 -4.12
C PRO A 187 13.98 -8.07 -3.26
N VAL A 188 14.12 -7.93 -1.94
CA VAL A 188 13.13 -8.49 -1.03
C VAL A 188 11.93 -7.56 -0.99
N LEU A 189 10.75 -8.13 -0.88
CA LEU A 189 9.54 -7.33 -0.82
C LEU A 189 9.43 -6.70 0.56
N PRO A 190 9.06 -5.43 0.66
CA PRO A 190 8.81 -4.83 1.97
C PRO A 190 7.50 -5.36 2.55
N PRO A 191 7.23 -5.13 3.83
CA PRO A 191 5.90 -5.44 4.36
C PRO A 191 4.84 -4.62 3.63
N VAL A 192 3.61 -5.18 3.55
CA VAL A 192 2.55 -4.47 2.84
C VAL A 192 2.30 -3.10 3.47
N LEU A 193 2.30 -3.03 4.79
CA LEU A 193 2.16 -1.81 5.58
C LEU A 193 3.01 -1.96 6.83
N PRO A 194 3.48 -0.86 7.41
CA PRO A 194 4.21 -0.95 8.68
C PRO A 194 3.23 -1.14 9.84
N LEU A 195 3.66 -1.91 10.84
CA LEU A 195 3.02 -1.83 12.16
C LEU A 195 3.77 -0.86 13.06
N ARG A 196 5.06 -0.68 12.83
CA ARG A 196 5.77 0.45 13.39
C ARG A 196 5.00 1.73 13.10
N GLY A 197 4.77 2.54 14.14
CA GLY A 197 3.91 3.69 14.02
C GLY A 197 2.48 3.47 14.46
N SER A 198 2.08 2.21 14.66
CA SER A 198 0.76 1.87 15.18
CA SER A 198 0.76 1.88 15.19
C SER A 198 0.88 1.43 16.64
N ASN A 199 -0.28 1.30 17.30
CA ASN A 199 -0.32 0.94 18.71
C ASN A 199 -1.25 -0.24 18.94
N TRP A 200 -0.87 -1.10 19.88
CA TRP A 200 -1.84 -2.02 20.46
C TRP A 200 -2.82 -1.22 21.31
N ILE A 201 -4.11 -1.38 21.07
CA ILE A 201 -5.14 -0.69 21.85
C ILE A 201 -6.07 -1.73 22.45
N TRP A 202 -6.82 -1.29 23.46
CA TRP A 202 -7.88 -2.10 24.06
C TRP A 202 -8.83 -1.15 24.77
N THR A 203 -9.86 -1.71 25.40
CA THR A 203 -10.66 -0.91 26.31
C THR A 203 -9.86 -0.67 27.60
N SER A 204 -10.35 0.28 28.40
CA SER A 204 -9.58 0.74 29.54
C SER A 204 -9.61 -0.21 30.74
N ASP A 205 -10.30 -1.35 30.64
CA ASP A 205 -10.16 -2.42 31.63
C ASP A 205 -8.88 -3.22 31.44
N ASN A 206 -8.09 -2.92 30.42
CA ASN A 206 -6.77 -3.54 30.22
C ASN A 206 -5.78 -2.80 31.11
N VAL A 207 -5.43 -3.40 32.26
CA VAL A 207 -4.55 -2.77 33.24
C VAL A 207 -3.57 -3.81 33.76
N ASN A 208 -2.38 -3.33 34.12
CA ASN A 208 -1.34 -4.16 34.75
C ASN A 208 -0.96 -5.35 33.87
N GLY A 209 -1.08 -5.19 32.55
CA GLY A 209 -0.64 -6.22 31.62
C GLY A 209 -1.63 -7.34 31.37
N ALA A 210 -2.90 -7.15 31.73
CA ALA A 210 -3.91 -8.16 31.43
C ALA A 210 -5.26 -7.47 31.36
N ALA A 211 -6.19 -8.11 30.65
CA ALA A 211 -7.55 -7.62 30.53
C ALA A 211 -8.50 -8.75 30.87
N PRO A 212 -9.74 -8.44 31.26
CA PRO A 212 -10.73 -9.50 31.50
C PRO A 212 -10.97 -10.34 30.23
N VAL A 213 -11.46 -11.55 30.45
CA VAL A 213 -11.92 -12.39 29.35
C VAL A 213 -13.15 -11.75 28.73
N GLY A 214 -13.22 -11.73 27.40
CA GLY A 214 -14.42 -11.23 26.75
C GLY A 214 -14.15 -10.48 25.46
N SER A 215 -15.21 -10.01 24.82
CA SER A 215 -15.13 -9.33 23.53
C SER A 215 -15.32 -7.82 23.71
N ARG A 216 -14.61 -7.05 22.88
CA ARG A 216 -14.61 -5.60 22.94
C ARG A 216 -14.71 -5.06 21.52
N ALA A 217 -15.41 -3.93 21.35
CA ALA A 217 -15.57 -3.36 20.02
C ALA A 217 -14.78 -2.05 19.90
N PHE A 218 -14.36 -1.75 18.67
CA PHE A 218 -13.54 -0.59 18.35
C PHE A 218 -14.02 -0.02 17.02
N ARG A 219 -14.05 1.31 16.92
CA ARG A 219 -14.57 1.99 15.74
C ARG A 219 -13.67 3.16 15.34
N LYS A 220 -13.48 3.33 14.04
CA LYS A 220 -12.79 4.49 13.50
C LYS A 220 -13.45 4.89 12.19
N THR A 221 -13.80 6.17 12.08
CA THR A 221 -14.43 6.70 10.87
C THR A 221 -13.47 7.65 10.17
N VAL A 222 -13.38 7.55 8.85
CA VAL A 222 -12.67 8.54 8.03
C VAL A 222 -13.70 9.20 7.14
N ASN A 223 -13.74 10.53 7.17
CA ASN A 223 -14.78 11.25 6.41
C ASN A 223 -14.18 12.56 5.92
N GLN A 224 -13.46 12.49 4.80
CA GLN A 224 -12.95 13.69 4.12
C GLN A 224 -13.99 14.09 3.09
N CYS A 225 -14.95 14.94 3.50
CA CYS A 225 -16.09 15.22 2.62
C CYS A 225 -15.73 16.02 1.37
N THR A 226 -14.51 16.52 1.25
CA THR A 226 -14.11 17.24 0.04
C THR A 226 -13.20 16.43 -0.88
N LYS A 227 -12.97 15.15 -0.59
CA LYS A 227 -12.15 14.28 -1.43
C LYS A 227 -12.98 13.07 -1.85
N VAL A 228 -12.37 12.21 -2.67
CA VAL A 228 -13.02 11.01 -3.18
C VAL A 228 -12.11 9.83 -2.84
N ALA A 229 -12.51 9.04 -1.85
CA ALA A 229 -11.77 7.86 -1.45
C ALA A 229 -12.02 6.72 -2.43
N VAL A 230 -11.03 5.85 -2.60
CA VAL A 230 -11.09 4.83 -3.63
C VAL A 230 -10.90 3.43 -3.06
N CYS A 231 -9.69 3.13 -2.56
CA CYS A 231 -9.34 1.80 -2.06
C CYS A 231 -8.72 1.96 -0.67
N ALA A 232 -8.87 0.93 0.17
CA ALA A 232 -8.12 0.85 1.41
C ALA A 232 -7.39 -0.49 1.48
N THR A 233 -6.21 -0.44 2.09
CA THR A 233 -5.46 -1.63 2.46
C THR A 233 -5.38 -1.66 3.98
N VAL A 234 -5.70 -2.80 4.59
CA VAL A 234 -5.75 -2.93 6.04
C VAL A 234 -4.81 -4.03 6.47
N LEU A 235 -3.97 -3.74 7.46
CA LEU A 235 -3.13 -4.73 8.12
C LEU A 235 -3.56 -4.81 9.58
N ILE A 236 -3.84 -6.02 10.08
CA ILE A 236 -4.42 -6.14 11.42
C ILE A 236 -3.97 -7.43 12.10
N ALA A 237 -3.82 -7.35 13.42
CA ALA A 237 -3.59 -8.54 14.26
C ALA A 237 -4.18 -8.26 15.64
N ALA A 238 -4.49 -9.33 16.38
CA ALA A 238 -5.07 -9.18 17.70
C ALA A 238 -4.69 -10.36 18.59
N ASP A 239 -4.59 -10.06 19.89
CA ASP A 239 -4.49 -11.06 20.95
C ASP A 239 -5.80 -10.97 21.73
N ASP A 240 -6.69 -11.96 21.57
CA ASP A 240 -6.50 -13.25 20.91
C ASP A 240 -6.99 -13.36 19.47
N ARG A 241 -8.02 -12.60 19.12
CA ARG A 241 -8.66 -12.76 17.81
C ARG A 241 -9.47 -11.50 17.52
N TYR A 242 -9.90 -11.37 16.27
CA TYR A 242 -10.66 -10.19 15.85
C TYR A 242 -11.58 -10.57 14.71
N THR A 243 -12.63 -9.78 14.53
CA THR A 243 -13.38 -9.72 13.28
C THR A 243 -13.43 -8.27 12.83
N LEU A 244 -13.18 -8.05 11.54
CA LEU A 244 -13.04 -6.72 10.97
C LEU A 244 -14.20 -6.45 10.03
N TYR A 245 -14.78 -5.24 10.14
CA TYR A 245 -15.87 -4.78 9.30
C TYR A 245 -15.53 -3.43 8.68
N VAL A 246 -16.05 -3.17 7.49
CA VAL A 246 -15.99 -1.84 6.88
C VAL A 246 -17.39 -1.48 6.38
N ASN A 247 -17.90 -0.34 6.84
CA ASN A 247 -19.26 0.09 6.54
C ASN A 247 -20.28 -1.02 6.80
N GLY A 248 -20.07 -1.77 7.87
CA GLY A 248 -20.99 -2.81 8.27
C GLY A 248 -20.81 -4.15 7.58
N ALA A 249 -19.99 -4.22 6.53
CA ALA A 249 -19.78 -5.47 5.82
C ALA A 249 -18.57 -6.20 6.40
N THR A 250 -18.70 -7.52 6.53
CA THR A 250 -17.61 -8.34 7.06
C THR A 250 -16.46 -8.35 6.09
N VAL A 251 -15.26 -8.02 6.56
CA VAL A 251 -14.04 -8.09 5.75
C VAL A 251 -13.28 -9.37 6.02
N GLY A 252 -13.03 -9.70 7.28
CA GLY A 252 -12.29 -10.91 7.60
C GLY A 252 -12.11 -11.06 9.09
N SER A 253 -11.50 -12.19 9.45
CA SER A 253 -11.26 -12.57 10.83
C SER A 253 -9.88 -13.19 10.93
N GLY A 254 -9.31 -13.13 12.13
CA GLY A 254 -8.04 -13.78 12.38
C GLY A 254 -7.96 -14.15 13.85
N SER A 255 -6.97 -14.98 14.18
CA SER A 255 -6.79 -15.44 15.56
C SER A 255 -5.33 -15.62 15.91
N SER A 256 -4.46 -14.78 15.36
CA SER A 256 -3.03 -14.88 15.63
C SER A 256 -2.48 -13.51 15.98
N TYR A 257 -1.67 -13.46 17.04
CA TYR A 257 -0.93 -12.25 17.35
C TYR A 257 0.54 -12.34 16.92
N THR A 258 0.89 -13.39 16.17
CA THR A 258 2.23 -13.48 15.60
C THR A 258 2.23 -13.43 14.07
N VAL A 259 1.09 -13.64 13.44
CA VAL A 259 0.97 -13.57 11.99
C VAL A 259 -0.17 -12.63 11.67
N ALA A 260 0.15 -11.45 11.12
CA ALA A 260 -0.86 -10.44 10.81
C ALA A 260 -1.59 -10.77 9.51
N ASP A 261 -2.81 -10.25 9.38
CA ASP A 261 -3.62 -10.42 8.18
C ASP A 261 -3.73 -9.10 7.44
N ALA A 262 -3.72 -9.16 6.10
CA ALA A 262 -3.89 -7.99 5.25
C ALA A 262 -5.07 -8.17 4.33
N TYR A 263 -5.81 -7.08 4.10
CA TYR A 263 -7.02 -7.08 3.30
C TYR A 263 -7.03 -5.89 2.36
N THR A 264 -7.67 -6.08 1.21
CA THR A 264 -7.91 -5.01 0.25
C THR A 264 -9.41 -4.68 0.24
N ILE A 265 -9.73 -3.40 0.33
CA ILE A 265 -11.11 -2.92 0.26
C ILE A 265 -11.21 -2.12 -1.02
N PRO A 266 -11.68 -2.70 -2.13
CA PRO A 266 -11.63 -2.01 -3.43
C PRO A 266 -12.85 -1.14 -3.70
N ASN A 267 -13.81 -1.08 -2.78
CA ASN A 267 -15.11 -0.48 -3.03
C ASN A 267 -15.52 0.44 -1.90
N LEU A 268 -14.59 1.30 -1.47
CA LEU A 268 -14.91 2.28 -0.43
C LEU A 268 -16.05 3.19 -0.87
N HIS A 269 -16.81 3.69 0.10
CA HIS A 269 -17.67 4.83 -0.14
C HIS A 269 -16.80 6.04 -0.46
N PRO A 270 -17.25 6.93 -1.36
CA PRO A 270 -16.36 8.03 -1.77
C PRO A 270 -16.02 9.03 -0.68
N THR A 271 -16.85 9.20 0.36
CA THR A 271 -16.58 10.23 1.35
C THR A 271 -16.63 9.78 2.81
N PHE A 272 -17.27 8.66 3.14
CA PHE A 272 -17.48 8.30 4.54
C PHE A 272 -17.29 6.80 4.70
N ASN A 273 -16.31 6.39 5.51
CA ASN A 273 -16.03 4.97 5.73
C ASN A 273 -15.73 4.72 7.19
N THR A 274 -16.37 3.68 7.74
CA THR A 274 -16.24 3.32 9.15
C THR A 274 -15.63 1.93 9.27
N PHE A 275 -14.51 1.84 9.97
CA PHE A 275 -13.85 0.57 10.25
C PHE A 275 -14.24 0.14 11.66
N ALA A 276 -14.69 -1.10 11.80
CA ALA A 276 -15.14 -1.58 13.10
C ALA A 276 -14.53 -2.94 13.38
N ILE A 277 -14.13 -3.15 14.64
CA ILE A 277 -13.44 -4.36 15.06
C ILE A 277 -14.14 -4.93 16.28
N ASN A 278 -14.44 -6.22 16.24
CA ASN A 278 -14.79 -6.97 17.44
C ASN A 278 -13.58 -7.84 17.76
N ALA A 279 -12.87 -7.50 18.84
CA ALA A 279 -11.69 -8.26 19.24
C ALA A 279 -11.98 -8.95 20.56
N THR A 280 -11.47 -10.17 20.72
CA THR A 280 -11.81 -11.02 21.86
C THR A 280 -10.56 -11.47 22.60
N ASN A 281 -10.61 -11.38 23.91
CA ASN A 281 -9.54 -11.86 24.77
C ASN A 281 -9.96 -13.17 25.42
N GLY A 282 -9.18 -14.22 25.18
CA GLY A 282 -9.39 -15.48 25.86
C GLY A 282 -8.84 -15.54 27.26
N GLY A 283 -8.11 -14.51 27.68
CA GLY A 283 -7.51 -14.46 29.00
C GLY A 283 -6.08 -13.97 28.89
N GLY A 284 -5.66 -13.20 29.89
CA GLY A 284 -4.32 -12.68 29.95
C GLY A 284 -4.16 -11.36 29.22
N PRO A 285 -2.96 -11.10 28.69
CA PRO A 285 -2.74 -9.88 27.90
C PRO A 285 -3.68 -9.82 26.71
N ALA A 286 -4.03 -8.60 26.30
CA ALA A 286 -4.93 -8.41 25.17
C ALA A 286 -4.58 -7.13 24.43
N GLY A 287 -4.83 -7.14 23.12
CA GLY A 287 -4.68 -5.94 22.32
C GLY A 287 -5.06 -6.21 20.88
N VAL A 288 -5.39 -5.14 20.17
CA VAL A 288 -5.56 -5.19 18.73
C VAL A 288 -4.75 -4.06 18.12
N ILE A 289 -4.15 -4.31 16.96
CA ILE A 289 -3.31 -3.33 16.29
C ILE A 289 -3.64 -3.38 14.81
N ALA A 290 -3.63 -2.21 14.16
CA ALA A 290 -3.95 -2.16 12.74
C ALA A 290 -3.33 -0.92 12.12
N THR A 291 -3.05 -1.02 10.83
CA THR A 291 -2.62 0.10 10.01
C THR A 291 -3.49 0.09 8.78
N ILE A 292 -4.00 1.25 8.39
CA ILE A 292 -4.93 1.38 7.27
C ILE A 292 -4.44 2.50 6.38
N LEU A 293 -4.31 2.21 5.08
CA LEU A 293 -4.00 3.25 4.11
C LEU A 293 -5.16 3.39 3.13
N ILE A 294 -5.63 4.62 2.95
CA ILE A 294 -6.74 4.93 2.05
C ILE A 294 -6.18 5.75 0.89
N THR A 295 -6.54 5.38 -0.34
CA THR A 295 -6.13 6.14 -1.51
C THR A 295 -7.27 7.07 -1.96
N TYR A 296 -6.88 8.23 -2.47
CA TYR A 296 -7.82 9.23 -2.98
C TYR A 296 -7.63 9.45 -4.48
N SER A 297 -8.71 9.90 -5.13
CA SER A 297 -8.70 10.03 -6.59
C SER A 297 -7.73 11.09 -7.08
N ASP A 298 -7.30 12.02 -6.24
CA ASP A 298 -6.31 13.01 -6.65
C ASP A 298 -4.88 12.50 -6.50
N GLY A 299 -4.68 11.21 -6.24
CA GLY A 299 -3.36 10.66 -6.06
C GLY A 299 -2.82 10.71 -4.65
N SER A 300 -3.47 11.44 -3.74
CA SER A 300 -3.05 11.48 -2.35
C SER A 300 -3.51 10.23 -1.62
N ASN A 301 -3.11 10.13 -0.34
CA ASN A 301 -3.49 9.01 0.49
C ASN A 301 -3.52 9.48 1.94
N GLU A 302 -4.04 8.64 2.81
CA GLU A 302 -3.84 8.89 4.22
C GLU A 302 -3.77 7.56 4.96
N THR A 303 -3.00 7.57 6.04
CA THR A 303 -2.83 6.40 6.89
C THR A 303 -3.53 6.63 8.22
N VAL A 304 -4.24 5.61 8.67
CA VAL A 304 -4.88 5.58 9.97
C VAL A 304 -4.27 4.43 10.75
N VAL A 305 -3.95 4.65 12.02
CA VAL A 305 -3.40 3.59 12.88
C VAL A 305 -4.30 3.46 14.10
N THR A 306 -4.29 2.27 14.70
CA THR A 306 -4.93 2.13 16.00
C THR A 306 -4.23 3.03 17.01
N ASP A 307 -5.01 3.90 17.64
CA ASP A 307 -4.50 4.83 18.64
C ASP A 307 -5.69 5.30 19.48
N ALA A 308 -5.47 6.32 20.32
CA ALA A 308 -6.55 6.76 21.21
C ALA A 308 -7.66 7.52 20.49
N SER A 309 -7.52 7.79 19.19
CA SER A 309 -8.62 8.41 18.46
C SER A 309 -9.70 7.41 18.07
N TRP A 310 -9.45 6.12 18.24
CA TRP A 310 -10.49 5.12 18.03
C TRP A 310 -11.45 5.14 19.22
N LYS A 311 -12.73 4.86 18.94
CA LYS A 311 -13.70 4.67 20.01
C LYS A 311 -13.77 3.19 20.37
N ALA A 312 -14.11 2.92 21.63
CA ALA A 312 -14.09 1.57 22.17
C ALA A 312 -15.22 1.40 23.18
N ILE A 313 -15.69 0.17 23.34
CA ILE A 313 -16.76 -0.11 24.31
C ILE A 313 -16.60 -1.53 24.83
N GLN A 314 -16.93 -1.74 26.11
CA GLN A 314 -16.67 -3.03 26.74
C GLN A 314 -17.82 -4.03 26.57
N THR A 315 -19.06 -3.55 26.61
CA THR A 315 -20.22 -4.38 26.27
C THR A 315 -20.64 -4.01 24.87
N ILE A 316 -20.47 -4.93 23.94
CA ILE A 316 -20.69 -4.62 22.53
C ILE A 316 -22.19 -4.59 22.24
N PRO A 317 -22.71 -3.48 21.73
CA PRO A 317 -24.13 -3.42 21.39
C PRO A 317 -24.42 -4.06 20.04
N GLN A 318 -25.68 -4.47 19.88
CA GLN A 318 -26.14 -4.92 18.57
C GLN A 318 -26.00 -3.79 17.56
N GLY A 319 -25.51 -4.12 16.37
CA GLY A 319 -25.24 -3.10 15.38
C GLY A 319 -24.01 -2.25 15.62
N PHE A 320 -23.06 -2.74 16.43
CA PHE A 320 -21.84 -1.98 16.70
C PHE A 320 -21.05 -1.67 15.43
N GLN A 321 -21.25 -2.44 14.35
CA GLN A 321 -20.47 -2.26 13.13
C GLN A 321 -21.09 -1.36 12.05
N PRO A 322 -22.39 -1.02 12.08
CA PRO A 322 -22.93 -0.07 11.11
C PRO A 322 -22.27 1.29 11.18
N PRO A 323 -22.24 2.01 10.06
CA PRO A 323 -21.44 3.25 10.00
C PRO A 323 -22.00 4.41 10.81
N LEU A 324 -23.32 4.58 10.89
CA LEU A 324 -23.89 5.81 11.46
C LEU A 324 -24.49 5.61 12.85
N ILE A 325 -23.94 4.73 13.66
CA ILE A 325 -24.55 4.51 14.97
C ILE A 325 -24.27 5.68 15.89
N ASP A 326 -25.08 5.78 16.93
CA ASP A 326 -24.84 6.71 18.03
C ASP A 326 -23.69 6.19 18.88
N GLU A 327 -22.61 6.94 18.93
CA GLU A 327 -21.43 6.53 19.67
C GLU A 327 -21.43 7.05 21.11
N PHE A 328 -22.58 7.51 21.60
CA PHE A 328 -22.66 7.87 23.01
C PHE A 328 -22.31 6.67 23.89
N GLY A 329 -21.53 6.93 24.94
CA GLY A 329 -21.12 5.86 25.82
C GLY A 329 -19.90 5.07 25.37
N TRP A 330 -19.42 5.27 24.15
CA TRP A 330 -18.13 4.71 23.75
C TRP A 330 -17.00 5.57 24.28
N GLU A 331 -15.94 4.94 24.75
CA GLU A 331 -14.78 5.65 25.29
C GLU A 331 -13.67 5.75 24.24
N SER A 332 -12.74 6.66 24.48
CA SER A 332 -11.48 6.64 23.77
C SER A 332 -10.75 5.33 24.03
N ALA A 333 -10.27 4.69 22.96
CA ALA A 333 -9.47 3.48 23.13
C ALA A 333 -8.21 3.80 23.94
N LYS A 334 -7.77 2.81 24.72
CA LYS A 334 -6.56 2.94 25.53
C LYS A 334 -5.38 2.37 24.76
N ILE A 335 -4.30 3.15 24.70
CA ILE A 335 -3.06 2.66 24.10
C ILE A 335 -2.38 1.75 25.12
N ILE A 336 -2.24 0.47 24.77
CA ILE A 336 -1.51 -0.46 25.63
C ILE A 336 -0.01 -0.28 25.43
N GLY A 337 0.42 -0.09 24.19
CA GLY A 337 1.82 0.19 23.90
C GLY A 337 2.00 0.39 22.41
N ALA A 338 3.11 1.05 22.06
CA ALA A 338 3.45 1.14 20.65
C ALA A 338 3.88 -0.24 20.13
N PHE A 339 3.75 -0.45 18.82
CA PHE A 339 4.19 -1.72 18.26
C PHE A 339 5.62 -2.00 18.66
N GLY A 340 5.88 -3.21 19.15
CA GLY A 340 7.20 -3.61 19.63
C GLY A 340 7.23 -3.98 21.10
N VAL A 341 6.33 -3.41 21.91
CA VAL A 341 6.34 -3.69 23.35
C VAL A 341 6.13 -5.17 23.62
N ALA A 342 6.73 -5.63 24.72
CA ALA A 342 6.36 -6.89 25.33
C ALA A 342 4.87 -6.88 25.67
N PRO A 343 4.21 -8.04 25.67
CA PRO A 343 4.80 -9.37 25.45
C PRO A 343 4.88 -9.75 23.98
N TRP A 344 4.27 -8.98 23.06
CA TRP A 344 4.22 -9.42 21.67
C TRP A 344 5.53 -9.17 20.93
N GLY A 345 6.27 -8.12 21.28
CA GLY A 345 7.53 -7.90 20.60
C GLY A 345 7.35 -7.34 19.19
N ALA A 346 8.46 -7.33 18.45
CA ALA A 346 8.50 -6.73 17.13
C ALA A 346 8.52 -7.74 16.00
N GLY A 347 8.42 -9.04 16.29
CA GLY A 347 8.58 -10.09 15.29
C GLY A 347 7.37 -10.45 14.45
N MET A 348 6.27 -9.69 14.51
CA MET A 348 5.08 -9.98 13.71
C MET A 348 5.42 -10.35 12.26
N VAL A 349 4.90 -11.48 11.80
CA VAL A 349 4.99 -11.82 10.39
C VAL A 349 3.96 -11.00 9.62
N ILE A 350 4.43 -10.14 8.71
CA ILE A 350 3.57 -9.25 7.93
C ILE A 350 3.59 -9.71 6.48
N PRO A 351 2.45 -9.77 5.79
CA PRO A 351 2.46 -10.13 4.37
C PRO A 351 3.30 -9.18 3.55
N SER A 352 3.96 -9.73 2.53
CA SER A 352 4.75 -8.92 1.61
C SER A 352 3.86 -8.00 0.79
N ALA A 353 4.38 -6.82 0.48
CA ALA A 353 3.67 -5.87 -0.37
C ALA A 353 3.55 -6.41 -1.80
#